data_3VHP
#
_entry.id   3VHP
#
_cell.length_a   45.279
_cell.length_b   74.467
_cell.length_c   164.974
_cell.angle_alpha   90.00
_cell.angle_beta   90.00
_cell.angle_gamma   90.00
#
_symmetry.space_group_name_H-M   'P 21 21 21'
#
loop_
_entity.id
_entity.type
_entity.pdbx_description
1 polymer Endo-1,4-beta-glucanase
2 branched beta-D-glucopyranose-(1-4)-beta-D-glucopyranose
3 water water
#
_entity_poly.entity_id   1
_entity_poly.type   'polypeptide(L)'
_entity_poly.pdbx_seq_one_letter_code
;MGHHHHHHMVLMTKPGTSDFVWNGIPLSMELNLWNIKEYSGSVAMKFDGEKITFDADIQNLSPKEPERGGVLGYPEFYYG
YKPWENHTAEGSKLPVPVSSMKSFSVEVSFDIHHEPSLPLNFAMETWLTREKYQTEASIGDVEIMVWFYFNNLTPGGEKI
EEFTIPFVLNGESVEGTWELWLAEWGWDYLAFRLKDPVKKGRVKFDVRHFLDAAGKALSSSARVKDFEDLYFTVWEIGTE
FGSPETKSAQFGWKFENFSIDLEVRE
;
_entity_poly.pdbx_strand_id   A,B
#
# COMPACT_ATOMS: atom_id res chain seq x y z
N MET A 9 -3.44 -5.89 10.81
CA MET A 9 -2.64 -5.39 9.65
C MET A 9 -2.15 -6.53 8.75
N VAL A 10 -2.57 -6.50 7.48
CA VAL A 10 -2.17 -7.53 6.53
C VAL A 10 -1.59 -6.79 5.32
N LEU A 11 -0.49 -7.30 4.78
CA LEU A 11 0.16 -6.73 3.61
C LEU A 11 0.64 -7.90 2.76
N MET A 12 0.26 -7.89 1.48
CA MET A 12 0.70 -8.91 0.55
C MET A 12 1.17 -8.18 -0.68
N THR A 13 2.29 -8.66 -1.25
CA THR A 13 2.82 -8.06 -2.49
C THR A 13 3.05 -9.13 -3.59
N LYS A 14 2.42 -10.29 -3.42
CA LYS A 14 2.46 -11.33 -4.45
C LYS A 14 1.17 -12.15 -4.26
N PRO A 15 0.82 -13.02 -5.23
CA PRO A 15 -0.42 -13.79 -5.06
C PRO A 15 -0.43 -14.58 -3.74
N GLY A 16 -1.60 -14.67 -3.15
CA GLY A 16 -1.70 -15.44 -1.93
C GLY A 16 -2.98 -15.08 -1.22
N THR A 17 -3.19 -15.70 -0.06
CA THR A 17 -4.39 -15.45 0.72
C THR A 17 -4.02 -15.20 2.21
N SER A 18 -4.73 -14.29 2.88
CA SER A 18 -4.48 -14.02 4.30
C SER A 18 -5.82 -13.72 4.97
N ASP A 19 -6.00 -14.16 6.21
CA ASP A 19 -7.23 -13.85 6.91
C ASP A 19 -7.08 -12.59 7.74
N PHE A 20 -8.20 -11.99 8.12
CA PHE A 20 -8.18 -10.77 8.93
C PHE A 20 -9.57 -10.68 9.57
N VAL A 21 -9.78 -9.64 10.38
CA VAL A 21 -11.04 -9.45 11.07
C VAL A 21 -11.27 -7.98 10.92
N TRP A 22 -12.48 -7.61 10.48
CA TRP A 22 -12.80 -6.21 10.22
C TRP A 22 -14.07 -5.92 10.99
N ASN A 23 -13.94 -5.08 12.02
CA ASN A 23 -15.08 -4.77 12.89
C ASN A 23 -15.75 -6.07 13.36
N GLY A 24 -14.93 -7.04 13.77
CA GLY A 24 -15.44 -8.28 14.31
C GLY A 24 -15.81 -9.32 13.29
N ILE A 25 -15.77 -8.95 12.00
CA ILE A 25 -16.14 -9.92 10.96
C ILE A 25 -14.91 -10.63 10.41
N PRO A 26 -14.88 -11.97 10.47
CA PRO A 26 -13.76 -12.77 9.96
C PRO A 26 -13.86 -12.84 8.48
N LEU A 27 -12.74 -12.47 7.86
CA LEU A 27 -12.65 -12.39 6.41
C LEU A 27 -11.32 -12.91 5.88
N SER A 28 -11.27 -13.07 4.56
CA SER A 28 -10.06 -13.51 3.86
C SER A 28 -9.82 -12.55 2.72
N MET A 29 -8.56 -12.20 2.48
CA MET A 29 -8.21 -11.35 1.35
C MET A 29 -7.32 -12.21 0.42
N GLU A 30 -7.55 -12.10 -0.89
CA GLU A 30 -6.74 -12.86 -1.84
C GLU A 30 -6.22 -11.98 -2.97
N LEU A 31 -4.90 -11.90 -3.06
CA LEU A 31 -4.26 -11.11 -4.13
C LEU A 31 -4.31 -12.14 -5.27
N ASN A 32 -5.50 -12.28 -5.85
CA ASN A 32 -5.84 -13.29 -6.87
C ASN A 32 -5.46 -12.92 -8.32
N LEU A 33 -4.37 -13.51 -8.83
CA LEU A 33 -3.97 -13.26 -10.22
C LEU A 33 -4.05 -14.65 -10.86
N TRP A 34 -5.16 -15.35 -10.63
CA TRP A 34 -5.25 -16.75 -11.10
C TRP A 34 -5.00 -17.03 -12.57
N ASN A 35 -5.37 -16.11 -13.46
CA ASN A 35 -5.18 -16.41 -14.87
C ASN A 35 -4.05 -15.64 -15.53
N ILE A 36 -3.05 -15.27 -14.72
CA ILE A 36 -1.89 -14.56 -15.26
C ILE A 36 -0.70 -15.51 -15.25
N LYS A 37 -0.16 -15.77 -16.44
CA LYS A 37 0.96 -16.66 -16.61
C LYS A 37 2.21 -16.11 -15.91
N GLU A 38 2.49 -14.83 -16.12
CA GLU A 38 3.67 -14.22 -15.49
C GLU A 38 3.45 -12.72 -15.55
N TYR A 39 4.13 -11.96 -14.71
CA TYR A 39 4.01 -10.50 -14.78
C TYR A 39 5.27 -9.84 -14.31
N SER A 40 5.48 -8.60 -14.76
CA SER A 40 6.59 -7.79 -14.25
C SER A 40 5.86 -6.66 -13.51
N GLY A 41 6.56 -5.92 -12.66
CA GLY A 41 5.91 -4.81 -11.98
C GLY A 41 5.51 -5.13 -10.56
N SER A 42 4.55 -4.40 -10.00
CA SER A 42 4.21 -4.58 -8.61
C SER A 42 2.72 -4.64 -8.33
N VAL A 43 2.37 -5.37 -7.26
CA VAL A 43 0.99 -5.45 -6.78
C VAL A 43 1.14 -5.38 -5.25
N ALA A 44 0.21 -4.69 -4.60
CA ALA A 44 0.29 -4.56 -3.16
C ALA A 44 -1.13 -4.49 -2.66
N MET A 45 -1.47 -5.34 -1.71
CA MET A 45 -2.83 -5.34 -1.16
C MET A 45 -2.67 -5.18 0.34
N LYS A 46 -3.44 -4.30 0.95
CA LYS A 46 -3.29 -4.08 2.37
C LYS A 46 -4.59 -3.89 3.16
N PHE A 47 -4.63 -4.39 4.40
CA PHE A 47 -5.76 -4.14 5.28
C PHE A 47 -5.13 -3.47 6.51
N ASP A 48 -5.68 -2.33 6.92
CA ASP A 48 -5.12 -1.60 8.05
C ASP A 48 -6.10 -1.49 9.23
N GLY A 49 -7.14 -2.31 9.25
CA GLY A 49 -8.12 -2.25 10.31
C GLY A 49 -9.38 -1.47 9.93
N GLU A 50 -9.22 -0.51 9.02
CA GLU A 50 -10.33 0.32 8.62
C GLU A 50 -10.65 0.28 7.14
N LYS A 51 -9.66 -0.06 6.30
CA LYS A 51 -9.90 -0.14 4.86
C LYS A 51 -9.00 -1.19 4.20
N ILE A 52 -9.42 -1.69 3.04
CA ILE A 52 -8.58 -2.66 2.33
C ILE A 52 -8.23 -1.90 1.07
N THR A 53 -6.96 -1.90 0.69
CA THR A 53 -6.55 -1.18 -0.51
C THR A 53 -5.75 -2.12 -1.41
N PHE A 54 -5.82 -1.86 -2.70
CA PHE A 54 -5.11 -2.66 -3.68
C PHE A 54 -4.61 -1.70 -4.73
N ASP A 55 -3.37 -1.94 -5.16
CA ASP A 55 -2.73 -1.16 -6.20
C ASP A 55 -1.93 -2.08 -7.07
N ALA A 56 -2.06 -1.93 -8.39
CA ALA A 56 -1.30 -2.71 -9.34
C ALA A 56 -0.67 -1.82 -10.42
N ASP A 57 0.56 -2.17 -10.83
CA ASP A 57 1.22 -1.49 -11.95
C ASP A 57 2.08 -2.61 -12.50
N ILE A 58 1.43 -3.46 -13.32
CA ILE A 58 2.07 -4.63 -13.85
C ILE A 58 2.07 -4.67 -15.37
N GLN A 59 3.04 -5.42 -15.90
CA GLN A 59 3.18 -5.56 -17.35
C GLN A 59 3.59 -6.99 -17.72
N ASN A 60 3.84 -7.19 -19.02
CA ASN A 60 4.25 -8.48 -19.59
C ASN A 60 3.22 -9.54 -19.29
N LEU A 61 1.94 -9.13 -19.29
CA LEU A 61 0.82 -10.04 -19.01
C LEU A 61 0.36 -10.90 -20.18
N SER A 62 -0.03 -12.14 -19.88
CA SER A 62 -0.65 -13.03 -20.86
C SER A 62 -1.47 -14.04 -20.06
N PRO A 63 -2.53 -14.58 -20.67
CA PRO A 63 -3.42 -15.57 -20.04
C PRO A 63 -2.77 -16.92 -19.74
N LYS A 64 -3.05 -17.45 -18.55
CA LYS A 64 -2.55 -18.74 -18.15
C LYS A 64 -3.27 -19.75 -19.04
N GLU A 65 -4.61 -19.69 -19.06
CA GLU A 65 -5.41 -20.57 -19.91
C GLU A 65 -6.01 -19.67 -20.97
N PRO A 66 -5.27 -19.49 -22.08
CA PRO A 66 -5.62 -18.66 -23.22
C PRO A 66 -6.91 -18.99 -23.95
N GLU A 67 -7.14 -20.27 -24.20
CA GLU A 67 -8.34 -20.69 -24.93
C GLU A 67 -9.69 -20.45 -24.23
N ARG A 68 -9.69 -20.09 -22.95
CA ARG A 68 -10.94 -19.86 -22.27
C ARG A 68 -11.30 -18.38 -22.38
N GLY A 69 -10.33 -17.57 -22.84
CA GLY A 69 -10.56 -16.14 -22.98
C GLY A 69 -10.91 -15.50 -21.63
N GLY A 70 -11.61 -14.37 -21.64
CA GLY A 70 -11.95 -13.77 -20.36
C GLY A 70 -10.81 -13.09 -19.60
N VAL A 71 -11.10 -12.75 -18.35
CA VAL A 71 -10.14 -12.02 -17.53
C VAL A 71 -8.90 -12.72 -17.01
N LEU A 72 -7.99 -11.89 -16.52
CA LEU A 72 -6.69 -12.31 -16.01
C LEU A 72 -6.61 -12.51 -14.51
N GLY A 73 -7.31 -11.69 -13.74
CA GLY A 73 -7.24 -11.83 -12.31
C GLY A 73 -8.41 -11.20 -11.61
N TYR A 74 -8.43 -11.35 -10.29
CA TYR A 74 -9.55 -10.87 -9.51
C TYR A 74 -9.16 -10.55 -8.06
N PRO A 75 -8.33 -9.52 -7.82
CA PRO A 75 -7.94 -9.16 -6.45
C PRO A 75 -9.25 -8.92 -5.69
N GLU A 76 -9.37 -9.56 -4.54
CA GLU A 76 -10.63 -9.59 -3.81
C GLU A 76 -10.47 -9.88 -2.34
N PHE A 77 -11.59 -9.84 -1.63
CA PHE A 77 -11.68 -10.26 -0.23
C PHE A 77 -13.04 -10.95 -0.11
N TYR A 78 -13.22 -11.80 0.89
CA TYR A 78 -14.47 -12.52 0.98
C TYR A 78 -14.82 -13.00 2.34
N TYR A 79 -16.10 -13.31 2.51
CA TYR A 79 -16.62 -13.84 3.76
C TYR A 79 -17.08 -15.22 3.40
N GLY A 80 -16.67 -16.21 4.14
CA GLY A 80 -17.13 -17.53 3.85
C GLY A 80 -16.04 -18.40 3.29
N TYR A 81 -16.49 -19.47 2.67
CA TYR A 81 -15.63 -20.53 2.10
C TYR A 81 -15.47 -20.46 0.58
N LYS A 82 -14.26 -20.20 0.10
CA LYS A 82 -14.04 -20.14 -1.35
C LYS A 82 -13.63 -21.56 -1.74
N PRO A 83 -14.50 -22.27 -2.49
CA PRO A 83 -14.19 -23.65 -2.89
C PRO A 83 -12.83 -23.91 -3.55
N TRP A 84 -12.51 -23.09 -4.55
CA TRP A 84 -11.29 -23.26 -5.30
C TRP A 84 -10.03 -23.29 -4.44
N GLU A 85 -10.10 -22.62 -3.30
CA GLU A 85 -8.92 -22.56 -2.43
C GLU A 85 -9.08 -23.37 -1.14
N ASN A 86 -10.19 -24.08 -0.98
CA ASN A 86 -10.46 -24.84 0.27
C ASN A 86 -10.09 -23.94 1.46
N HIS A 87 -10.65 -22.73 1.45
CA HIS A 87 -10.29 -21.78 2.47
C HIS A 87 -11.39 -20.94 3.03
N THR A 88 -11.36 -20.78 4.35
CA THR A 88 -12.27 -19.88 5.05
C THR A 88 -11.57 -19.34 6.29
N ALA A 89 -11.86 -18.10 6.63
CA ALA A 89 -11.30 -17.57 7.86
C ALA A 89 -12.12 -18.31 8.94
N GLU A 90 -11.62 -18.36 10.17
CA GLU A 90 -12.36 -19.08 11.20
C GLU A 90 -13.57 -18.31 11.75
N GLY A 91 -14.54 -19.08 12.19
CA GLY A 91 -15.74 -18.47 12.77
C GLY A 91 -16.74 -18.02 11.74
N SER A 92 -16.57 -18.44 10.50
CA SER A 92 -17.50 -18.01 9.46
C SER A 92 -18.86 -18.72 9.57
N LYS A 93 -19.96 -18.03 9.25
CA LYS A 93 -21.29 -18.62 9.36
C LYS A 93 -21.78 -19.23 8.07
N LEU A 94 -20.96 -19.09 7.02
CA LEU A 94 -21.22 -19.69 5.71
C LEU A 94 -20.28 -20.92 5.65
N PRO A 95 -20.59 -21.88 4.77
CA PRO A 95 -21.74 -21.95 3.85
C PRO A 95 -23.06 -22.29 4.54
N VAL A 96 -24.19 -22.10 3.84
CA VAL A 96 -25.52 -22.50 4.35
C VAL A 96 -26.31 -22.84 3.07
N PRO A 97 -27.29 -23.75 3.17
CA PRO A 97 -28.12 -24.12 2.00
C PRO A 97 -28.84 -22.87 1.46
N VAL A 98 -29.00 -22.74 0.15
CA VAL A 98 -29.73 -21.60 -0.40
C VAL A 98 -31.15 -21.54 0.22
N SER A 99 -31.81 -22.68 0.39
CA SER A 99 -33.16 -22.69 0.94
C SER A 99 -33.24 -22.11 2.36
N SER A 100 -32.14 -22.15 3.11
CA SER A 100 -32.18 -21.64 4.46
C SER A 100 -31.93 -20.13 4.56
N MET A 101 -31.55 -19.50 3.46
CA MET A 101 -31.25 -18.07 3.53
C MET A 101 -32.47 -17.18 3.41
N LYS A 102 -32.81 -16.51 4.50
CA LYS A 102 -33.94 -15.58 4.48
C LYS A 102 -33.37 -14.31 3.83
N SER A 103 -32.23 -13.84 4.31
CA SER A 103 -31.67 -12.63 3.69
C SER A 103 -30.17 -12.62 3.92
N PHE A 104 -29.45 -11.95 3.04
CA PHE A 104 -28.00 -11.82 3.16
C PHE A 104 -27.64 -10.42 2.64
N SER A 105 -27.52 -9.46 3.55
CA SER A 105 -27.24 -8.09 3.13
C SER A 105 -25.76 -7.85 3.09
N VAL A 106 -25.34 -7.09 2.09
CA VAL A 106 -23.93 -6.76 1.93
C VAL A 106 -23.91 -5.25 1.81
N GLU A 107 -22.95 -4.62 2.46
CA GLU A 107 -22.81 -3.17 2.37
C GLU A 107 -21.32 -2.87 2.26
N VAL A 108 -20.95 -1.95 1.38
CA VAL A 108 -19.53 -1.62 1.23
C VAL A 108 -19.39 -0.29 0.49
N SER A 109 -18.36 0.49 0.82
CA SER A 109 -18.04 1.74 0.12
C SER A 109 -16.84 1.39 -0.75
N PHE A 110 -16.77 1.96 -1.95
CA PHE A 110 -15.65 1.63 -2.82
C PHE A 110 -15.25 2.82 -3.64
N ASP A 111 -14.00 2.81 -4.08
CA ASP A 111 -13.46 3.90 -4.91
C ASP A 111 -12.47 3.19 -5.79
N ILE A 112 -12.80 3.07 -7.06
CA ILE A 112 -11.97 2.35 -8.00
C ILE A 112 -11.34 3.29 -9.02
N HIS A 113 -10.04 3.16 -9.24
CA HIS A 113 -9.44 4.03 -10.27
C HIS A 113 -8.70 3.14 -11.26
N HIS A 114 -8.60 3.55 -12.51
CA HIS A 114 -7.91 2.69 -13.48
C HIS A 114 -7.54 3.49 -14.69
N GLU A 115 -6.50 3.02 -15.40
CA GLU A 115 -6.11 3.67 -16.63
C GLU A 115 -7.37 3.48 -17.49
N PRO A 116 -7.67 4.47 -18.35
CA PRO A 116 -8.86 4.47 -19.22
C PRO A 116 -9.28 3.29 -20.08
N SER A 117 -8.35 2.59 -20.72
CA SER A 117 -8.69 1.47 -21.61
C SER A 117 -8.74 0.09 -20.95
N LEU A 118 -8.42 -0.01 -19.67
CA LEU A 118 -8.35 -1.35 -19.05
C LEU A 118 -9.68 -2.11 -18.88
N PRO A 119 -9.78 -3.35 -19.35
CA PRO A 119 -11.05 -4.08 -19.15
C PRO A 119 -11.08 -4.35 -17.64
N LEU A 120 -12.10 -3.86 -16.96
CA LEU A 120 -12.15 -4.04 -15.52
C LEU A 120 -13.56 -3.90 -15.02
N ASN A 121 -13.85 -4.48 -13.86
CA ASN A 121 -15.17 -4.31 -13.28
C ASN A 121 -15.07 -4.31 -11.75
N PHE A 122 -16.18 -3.96 -11.10
CA PHE A 122 -16.26 -4.05 -9.67
C PHE A 122 -17.32 -5.14 -9.61
N ALA A 123 -16.90 -6.32 -9.20
CA ALA A 123 -17.81 -7.47 -9.18
C ALA A 123 -17.74 -8.25 -7.89
N MET A 124 -18.90 -8.73 -7.49
CA MET A 124 -19.03 -9.53 -6.30
C MET A 124 -19.56 -10.86 -6.78
N GLU A 125 -19.21 -11.95 -6.10
CA GLU A 125 -19.77 -13.22 -6.55
C GLU A 125 -19.82 -14.29 -5.48
N THR A 126 -20.56 -15.35 -5.80
CA THR A 126 -20.67 -16.49 -4.93
C THR A 126 -20.57 -17.72 -5.83
N TRP A 127 -20.37 -18.86 -5.21
CA TRP A 127 -20.29 -20.15 -5.87
C TRP A 127 -21.34 -21.03 -5.17
N LEU A 128 -22.33 -21.53 -5.92
CA LEU A 128 -23.33 -22.42 -5.30
C LEU A 128 -22.92 -23.83 -5.65
N THR A 129 -22.74 -24.67 -4.64
CA THR A 129 -22.28 -26.02 -4.86
C THR A 129 -23.22 -27.11 -4.29
N ARG A 130 -23.18 -28.28 -4.94
CA ARG A 130 -24.00 -29.42 -4.52
C ARG A 130 -23.62 -29.93 -3.14
N GLU A 131 -22.31 -30.01 -2.92
CA GLU A 131 -21.75 -30.42 -1.64
C GLU A 131 -21.29 -29.16 -0.93
N LYS A 132 -21.23 -29.21 0.39
CA LYS A 132 -20.95 -28.02 1.17
C LYS A 132 -19.52 -27.50 1.05
N TYR A 133 -18.56 -28.42 1.01
CA TYR A 133 -17.16 -27.98 0.94
C TYR A 133 -16.41 -28.57 -0.25
N GLN A 134 -16.88 -28.28 -1.47
CA GLN A 134 -16.20 -28.79 -2.67
C GLN A 134 -14.90 -28.01 -2.79
N THR A 135 -14.02 -28.48 -3.67
CA THR A 135 -12.74 -27.80 -3.90
C THR A 135 -12.67 -27.30 -5.35
N GLU A 136 -13.82 -27.32 -6.04
CA GLU A 136 -13.96 -26.81 -7.41
C GLU A 136 -15.45 -26.77 -7.73
N ALA A 137 -15.79 -26.17 -8.87
CA ALA A 137 -17.18 -26.14 -9.27
C ALA A 137 -17.18 -26.91 -10.57
N SER A 138 -18.22 -27.67 -10.83
CA SER A 138 -18.31 -28.38 -12.10
C SER A 138 -19.77 -28.41 -12.52
N ILE A 139 -20.12 -29.34 -13.39
CA ILE A 139 -21.49 -29.38 -13.89
C ILE A 139 -22.50 -29.67 -12.79
N GLY A 140 -23.44 -28.75 -12.63
CA GLY A 140 -24.45 -28.88 -11.60
C GLY A 140 -24.27 -27.76 -10.56
N ASP A 141 -23.15 -27.06 -10.65
CA ASP A 141 -22.87 -25.98 -9.71
C ASP A 141 -23.08 -24.65 -10.41
N VAL A 142 -23.10 -23.56 -9.64
CA VAL A 142 -23.35 -22.28 -10.26
C VAL A 142 -22.43 -21.20 -9.75
N GLU A 143 -21.95 -20.36 -10.67
CA GLU A 143 -21.12 -19.20 -10.32
C GLU A 143 -22.09 -18.00 -10.58
N ILE A 144 -22.38 -17.16 -9.56
CA ILE A 144 -23.26 -16.00 -9.73
C ILE A 144 -22.52 -14.72 -9.36
N MET A 145 -22.41 -13.80 -10.32
CA MET A 145 -21.72 -12.52 -10.13
C MET A 145 -22.69 -11.34 -10.13
N VAL A 146 -22.31 -10.26 -9.46
CA VAL A 146 -23.11 -9.06 -9.42
C VAL A 146 -22.10 -7.95 -9.71
N TRP A 147 -22.25 -7.30 -10.88
CA TRP A 147 -21.34 -6.22 -11.30
C TRP A 147 -21.94 -4.83 -11.15
N PHE A 148 -21.36 -4.04 -10.26
CA PHE A 148 -21.80 -2.68 -10.02
C PHE A 148 -21.10 -1.67 -10.89
N TYR A 149 -20.05 -2.10 -11.58
CA TYR A 149 -19.28 -1.23 -12.45
C TYR A 149 -18.56 -2.08 -13.45
N PHE A 150 -18.32 -1.54 -14.63
CA PHE A 150 -17.55 -2.22 -15.67
C PHE A 150 -16.98 -1.15 -16.58
N ASN A 151 -15.85 -1.48 -17.20
CA ASN A 151 -15.17 -0.59 -18.15
C ASN A 151 -14.58 -1.49 -19.23
N ASN A 152 -14.96 -1.26 -20.49
CA ASN A 152 -14.47 -2.07 -21.62
C ASN A 152 -14.45 -3.55 -21.29
N LEU A 153 -15.55 -4.05 -20.72
CA LEU A 153 -15.60 -5.47 -20.33
C LEU A 153 -17.05 -5.90 -20.26
N THR A 154 -17.37 -7.02 -20.89
CA THR A 154 -18.72 -7.58 -20.86
C THR A 154 -18.61 -8.95 -20.17
N PRO A 155 -19.70 -9.45 -19.61
CA PRO A 155 -19.69 -10.76 -18.92
C PRO A 155 -19.56 -11.84 -19.97
N GLY A 156 -19.33 -13.09 -19.55
CA GLY A 156 -19.25 -14.16 -20.52
C GLY A 156 -20.65 -14.59 -20.92
N GLY A 157 -20.73 -15.48 -21.92
CA GLY A 157 -22.01 -15.98 -22.42
C GLY A 157 -22.78 -14.89 -23.11
N GLU A 158 -24.12 -14.94 -23.04
CA GLU A 158 -24.94 -13.88 -23.63
C GLU A 158 -26.05 -13.42 -22.71
N LYS A 159 -26.53 -12.20 -22.92
CA LYS A 159 -27.59 -11.66 -22.09
C LYS A 159 -28.87 -12.43 -22.38
N ILE A 160 -29.53 -12.90 -21.33
CA ILE A 160 -30.77 -13.65 -21.50
C ILE A 160 -32.05 -12.97 -20.97
N GLU A 161 -31.90 -11.89 -20.21
CA GLU A 161 -33.05 -11.14 -19.70
C GLU A 161 -32.55 -10.01 -18.82
N GLU A 162 -33.49 -9.26 -18.24
CA GLU A 162 -33.15 -8.17 -17.37
C GLU A 162 -34.07 -8.25 -16.18
N PHE A 163 -33.55 -7.84 -15.03
CA PHE A 163 -34.30 -7.83 -13.76
C PHE A 163 -34.13 -6.48 -13.12
N THR A 164 -35.18 -6.01 -12.45
CA THR A 164 -35.09 -4.74 -11.74
C THR A 164 -34.92 -5.16 -10.27
N ILE A 165 -33.77 -4.81 -9.67
CA ILE A 165 -33.48 -5.20 -8.29
C ILE A 165 -33.10 -3.97 -7.50
N PRO A 166 -33.78 -3.74 -6.36
CA PRO A 166 -33.48 -2.56 -5.54
C PRO A 166 -32.21 -2.67 -4.72
N PHE A 167 -31.72 -1.49 -4.35
CA PHE A 167 -30.54 -1.39 -3.48
C PHE A 167 -30.43 0.05 -2.98
N VAL A 168 -29.56 0.24 -2.00
CA VAL A 168 -29.39 1.56 -1.43
C VAL A 168 -28.05 2.03 -1.99
N LEU A 169 -28.06 3.15 -2.71
CA LEU A 169 -26.85 3.72 -3.31
C LEU A 169 -26.58 5.03 -2.66
N ASN A 170 -25.41 5.17 -2.03
CA ASN A 170 -25.09 6.39 -1.32
C ASN A 170 -26.24 6.82 -0.35
N GLY A 171 -26.79 5.86 0.37
CA GLY A 171 -27.86 6.20 1.31
C GLY A 171 -29.24 6.42 0.73
N GLU A 172 -29.41 6.32 -0.58
CA GLU A 172 -30.76 6.49 -1.17
C GLU A 172 -31.33 5.18 -1.73
N SER A 173 -32.63 4.98 -1.61
CA SER A 173 -33.26 3.76 -2.11
C SER A 173 -33.45 3.92 -3.59
N VAL A 174 -32.79 3.07 -4.37
CA VAL A 174 -32.90 3.13 -5.83
C VAL A 174 -33.26 1.76 -6.40
N GLU A 175 -33.60 1.74 -7.70
CA GLU A 175 -33.95 0.51 -8.38
C GLU A 175 -32.92 0.40 -9.48
N GLY A 176 -32.18 -0.72 -9.51
CA GLY A 176 -31.21 -0.88 -10.57
C GLY A 176 -31.80 -1.78 -11.65
N THR A 177 -31.34 -1.59 -12.87
CA THR A 177 -31.76 -2.45 -13.99
C THR A 177 -30.53 -3.30 -14.23
N TRP A 178 -30.71 -4.61 -14.13
CA TRP A 178 -29.61 -5.55 -14.25
C TRP A 178 -29.78 -6.50 -15.40
N GLU A 179 -28.79 -6.54 -16.28
CA GLU A 179 -28.79 -7.47 -17.40
C GLU A 179 -28.26 -8.79 -16.86
N LEU A 180 -28.94 -9.88 -17.16
CA LEU A 180 -28.50 -11.19 -16.75
C LEU A 180 -27.89 -11.93 -17.95
N TRP A 181 -26.60 -12.23 -17.79
CA TRP A 181 -25.79 -12.97 -18.75
C TRP A 181 -25.59 -14.41 -18.24
N LEU A 182 -25.79 -15.39 -19.12
CA LEU A 182 -25.63 -16.80 -18.75
C LEU A 182 -24.66 -17.48 -19.73
N ALA A 183 -23.78 -18.34 -19.20
CA ALA A 183 -22.82 -19.08 -20.01
C ALA A 183 -22.79 -20.48 -19.42
N GLU A 184 -22.79 -21.51 -20.26
CA GLU A 184 -22.69 -22.85 -19.72
C GLU A 184 -21.29 -23.30 -20.07
N TRP A 185 -20.43 -23.27 -19.07
CA TRP A 185 -19.03 -23.67 -19.24
C TRP A 185 -18.83 -24.95 -18.41
N GLY A 186 -17.78 -25.00 -17.62
CA GLY A 186 -17.51 -26.18 -16.80
C GLY A 186 -18.49 -26.22 -15.65
N TRP A 187 -19.20 -25.11 -15.49
CA TRP A 187 -20.26 -24.91 -14.50
C TRP A 187 -21.17 -23.86 -15.12
N ASP A 188 -22.27 -23.53 -14.48
CA ASP A 188 -23.14 -22.51 -15.01
C ASP A 188 -22.72 -21.16 -14.46
N TYR A 189 -22.47 -20.22 -15.36
CA TYR A 189 -22.02 -18.87 -15.00
C TYR A 189 -23.17 -17.87 -15.23
N LEU A 190 -23.52 -17.10 -14.20
CA LEU A 190 -24.57 -16.10 -14.33
C LEU A 190 -23.99 -14.78 -13.84
N ALA A 191 -24.19 -13.72 -14.62
CA ALA A 191 -23.70 -12.42 -14.20
C ALA A 191 -24.76 -11.36 -14.38
N PHE A 192 -25.07 -10.68 -13.28
CA PHE A 192 -26.04 -9.58 -13.26
C PHE A 192 -25.21 -8.32 -13.39
N ARG A 193 -25.41 -7.57 -14.47
CA ARG A 193 -24.62 -6.38 -14.70
C ARG A 193 -25.48 -5.13 -14.68
N LEU A 194 -25.24 -4.27 -13.69
CA LEU A 194 -26.00 -3.02 -13.50
C LEU A 194 -25.85 -2.15 -14.76
N LYS A 195 -26.97 -1.70 -15.31
CA LYS A 195 -26.94 -0.88 -16.53
C LYS A 195 -26.27 0.47 -16.32
N ASP A 196 -26.31 1.01 -15.12
CA ASP A 196 -25.68 2.31 -14.88
C ASP A 196 -24.52 2.06 -13.93
N PRO A 197 -23.40 1.62 -14.46
CA PRO A 197 -22.23 1.35 -13.62
C PRO A 197 -21.77 2.52 -12.75
N VAL A 198 -21.31 2.20 -11.54
CA VAL A 198 -20.84 3.16 -10.53
C VAL A 198 -19.37 2.88 -10.21
N LYS A 199 -18.52 3.88 -10.39
CA LYS A 199 -17.08 3.72 -10.19
C LYS A 199 -16.65 3.95 -8.74
N LYS A 200 -17.44 4.76 -8.05
CA LYS A 200 -17.14 5.14 -6.69
C LYS A 200 -18.48 5.39 -6.02
N GLY A 201 -18.66 4.86 -4.81
CA GLY A 201 -19.92 5.09 -4.12
C GLY A 201 -20.06 4.14 -2.94
N ARG A 202 -21.28 3.96 -2.48
CA ARG A 202 -21.55 3.05 -1.38
C ARG A 202 -22.81 2.33 -1.72
N VAL A 203 -22.82 1.02 -1.51
CA VAL A 203 -24.03 0.24 -1.81
C VAL A 203 -24.38 -0.67 -0.63
N LYS A 204 -25.67 -0.97 -0.50
CA LYS A 204 -26.20 -1.92 0.48
C LYS A 204 -27.34 -2.65 -0.29
N PHE A 205 -27.34 -3.97 -0.28
CA PHE A 205 -28.34 -4.70 -1.02
C PHE A 205 -28.45 -6.08 -0.42
N ASP A 206 -29.48 -6.81 -0.85
CA ASP A 206 -29.73 -8.15 -0.34
C ASP A 206 -29.42 -9.16 -1.43
N VAL A 207 -28.45 -10.04 -1.18
CA VAL A 207 -28.08 -11.05 -2.14
C VAL A 207 -29.26 -11.99 -2.47
N ARG A 208 -30.22 -12.10 -1.56
CA ARG A 208 -31.39 -12.96 -1.79
C ARG A 208 -32.15 -12.64 -3.09
N HIS A 209 -32.20 -11.36 -3.46
CA HIS A 209 -32.89 -10.94 -4.68
C HIS A 209 -32.21 -11.52 -5.93
N PHE A 210 -30.88 -11.61 -5.89
CA PHE A 210 -30.13 -12.18 -6.99
C PHE A 210 -30.22 -13.69 -7.00
N LEU A 211 -30.23 -14.32 -5.83
CA LEU A 211 -30.39 -15.76 -5.73
C LEU A 211 -31.80 -16.13 -6.26
N ASP A 212 -32.80 -15.31 -5.97
CA ASP A 212 -34.19 -15.55 -6.43
C ASP A 212 -34.27 -15.47 -7.98
N ALA A 213 -33.69 -14.43 -8.55
CA ALA A 213 -33.70 -14.29 -10.00
C ALA A 213 -32.89 -15.40 -10.67
N ALA A 214 -31.71 -15.71 -10.12
CA ALA A 214 -30.88 -16.79 -10.66
C ALA A 214 -31.64 -18.13 -10.67
N GLY A 215 -32.32 -18.46 -9.56
CA GLY A 215 -33.05 -19.72 -9.47
C GLY A 215 -34.14 -19.78 -10.53
N LYS A 216 -34.85 -18.67 -10.72
CA LYS A 216 -35.89 -18.63 -11.76
C LYS A 216 -35.30 -18.76 -13.16
N ALA A 217 -34.17 -18.11 -13.40
CA ALA A 217 -33.50 -18.13 -14.69
C ALA A 217 -33.09 -19.53 -15.10
N LEU A 218 -32.74 -20.34 -14.11
CA LEU A 218 -32.27 -21.69 -14.30
C LEU A 218 -33.34 -22.77 -14.07
N SER A 219 -34.59 -22.38 -13.81
CA SER A 219 -35.66 -23.32 -13.51
C SER A 219 -35.96 -24.41 -14.54
N SER A 220 -35.35 -24.33 -15.71
CA SER A 220 -35.56 -25.39 -16.69
C SER A 220 -34.22 -25.99 -17.19
N SER A 221 -33.11 -25.61 -16.55
CA SER A 221 -31.81 -26.13 -16.92
C SER A 221 -31.76 -27.66 -16.75
N ALA A 222 -31.02 -28.35 -17.62
CA ALA A 222 -30.87 -29.80 -17.49
C ALA A 222 -29.54 -30.06 -16.74
N ARG A 223 -28.79 -28.98 -16.51
CA ARG A 223 -27.47 -29.06 -15.85
C ARG A 223 -27.58 -28.74 -14.35
N VAL A 224 -28.24 -27.64 -14.02
CA VAL A 224 -28.43 -27.24 -12.64
C VAL A 224 -29.77 -27.75 -12.17
N LYS A 225 -29.73 -28.64 -11.17
CA LYS A 225 -30.94 -29.24 -10.64
C LYS A 225 -31.07 -28.88 -9.16
N ASP A 226 -32.30 -28.75 -8.68
CA ASP A 226 -32.55 -28.43 -7.28
C ASP A 226 -31.72 -27.24 -6.77
N PHE A 227 -31.87 -26.09 -7.42
CA PHE A 227 -31.18 -24.86 -7.07
C PHE A 227 -31.27 -24.54 -5.57
N GLU A 228 -32.46 -24.60 -4.99
CA GLU A 228 -32.56 -24.29 -3.56
C GLU A 228 -31.77 -25.20 -2.61
N ASP A 229 -31.35 -26.40 -3.05
CA ASP A 229 -30.59 -27.28 -2.14
C ASP A 229 -29.08 -27.06 -2.26
N LEU A 230 -28.67 -26.16 -3.16
CA LEU A 230 -27.22 -25.88 -3.33
C LEU A 230 -26.72 -25.08 -2.16
N TYR A 231 -25.41 -25.16 -1.87
CA TYR A 231 -24.84 -24.40 -0.77
C TYR A 231 -24.30 -23.06 -1.25
N PHE A 232 -24.70 -22.01 -0.54
CA PHE A 232 -24.26 -20.65 -0.82
C PHE A 232 -22.96 -20.62 0.00
N THR A 233 -21.85 -20.78 -0.68
CA THR A 233 -20.58 -20.90 0.03
C THR A 233 -19.84 -19.67 0.53
N VAL A 234 -19.92 -18.58 -0.23
CA VAL A 234 -19.08 -17.45 0.08
C VAL A 234 -19.64 -16.18 -0.55
N TRP A 235 -19.03 -15.05 -0.23
CA TRP A 235 -19.42 -13.81 -0.91
C TRP A 235 -18.07 -13.10 -1.12
N GLU A 236 -17.67 -12.99 -2.39
CA GLU A 236 -16.40 -12.37 -2.77
C GLU A 236 -16.68 -10.98 -3.29
N ILE A 237 -15.75 -10.08 -3.03
CA ILE A 237 -15.89 -8.70 -3.46
C ILE A 237 -14.52 -8.30 -4.03
N GLY A 238 -14.48 -7.88 -5.29
CA GLY A 238 -13.20 -7.49 -5.86
C GLY A 238 -13.36 -6.85 -7.25
N THR A 239 -12.27 -6.82 -8.00
CA THR A 239 -12.30 -6.25 -9.35
C THR A 239 -11.65 -7.18 -10.35
N GLU A 240 -12.44 -7.73 -11.25
CA GLU A 240 -11.88 -8.58 -12.30
C GLU A 240 -11.22 -7.59 -13.28
N PHE A 241 -10.15 -8.04 -13.94
CA PHE A 241 -9.49 -7.16 -14.90
C PHE A 241 -8.77 -7.93 -16.00
N GLY A 242 -8.61 -7.29 -17.14
CA GLY A 242 -7.90 -7.93 -18.22
C GLY A 242 -8.72 -8.68 -19.23
N SER A 243 -8.03 -9.10 -20.31
CA SER A 243 -8.61 -9.85 -21.43
C SER A 243 -7.40 -10.50 -22.09
N PRO A 244 -7.62 -11.35 -23.10
CA PRO A 244 -6.47 -11.98 -23.76
C PRO A 244 -5.57 -10.92 -24.40
N GLU A 245 -6.10 -9.73 -24.66
CA GLU A 245 -5.34 -8.68 -25.30
C GLU A 245 -4.55 -7.76 -24.34
N THR A 246 -4.86 -7.83 -23.05
CA THR A 246 -4.24 -6.96 -22.05
C THR A 246 -2.80 -7.33 -21.71
N LYS A 247 -1.89 -6.42 -22.06
CA LYS A 247 -0.47 -6.66 -21.82
C LYS A 247 0.00 -6.06 -20.50
N SER A 248 -0.69 -5.02 -20.03
CA SER A 248 -0.31 -4.37 -18.78
C SER A 248 -1.54 -3.81 -18.13
N ALA A 249 -1.43 -3.52 -16.84
CA ALA A 249 -2.57 -2.99 -16.12
C ALA A 249 -2.13 -2.10 -14.98
N GLN A 250 -2.71 -0.91 -14.93
CA GLN A 250 -2.44 0.04 -13.89
C GLN A 250 -3.79 0.43 -13.31
N PHE A 251 -4.04 0.06 -12.07
CA PHE A 251 -5.30 0.38 -11.42
C PHE A 251 -5.21 0.13 -9.94
N GLY A 252 -6.25 0.52 -9.20
CA GLY A 252 -6.26 0.29 -7.78
C GLY A 252 -7.62 0.61 -7.20
N TRP A 253 -7.82 0.24 -5.95
CA TRP A 253 -9.10 0.53 -5.33
C TRP A 253 -8.95 0.59 -3.83
N LYS A 254 -10.01 1.08 -3.21
CA LYS A 254 -10.10 1.19 -1.76
C LYS A 254 -11.55 0.72 -1.39
N PHE A 255 -11.67 -0.17 -0.42
CA PHE A 255 -12.99 -0.62 0.06
C PHE A 255 -13.05 -0.24 1.55
N GLU A 256 -14.21 0.23 1.98
CA GLU A 256 -14.37 0.66 3.35
C GLU A 256 -15.85 0.42 3.75
N ASN A 257 -16.17 0.65 5.03
CA ASN A 257 -17.53 0.53 5.56
C ASN A 257 -18.19 -0.79 5.18
N PHE A 258 -17.46 -1.88 5.42
CA PHE A 258 -17.93 -3.19 5.04
C PHE A 258 -18.77 -3.88 6.09
N SER A 259 -19.85 -4.54 5.67
CA SER A 259 -20.55 -5.34 6.66
C SER A 259 -21.46 -6.33 5.98
N ILE A 260 -21.74 -7.44 6.63
CA ILE A 260 -22.70 -8.37 6.04
C ILE A 260 -23.62 -8.84 7.14
N ASP A 261 -24.82 -9.25 6.79
CA ASP A 261 -25.72 -9.79 7.81
C ASP A 261 -26.46 -10.96 7.18
N LEU A 262 -26.16 -12.16 7.63
CA LEU A 262 -26.80 -13.37 7.14
C LEU A 262 -27.99 -13.67 8.06
N GLU A 263 -29.17 -13.87 7.52
CA GLU A 263 -30.29 -14.23 8.38
C GLU A 263 -30.83 -15.53 7.79
N VAL A 264 -30.73 -16.62 8.56
CA VAL A 264 -31.15 -17.94 8.08
C VAL A 264 -32.46 -18.38 8.64
N ARG A 265 -33.36 -18.84 7.78
CA ARG A 265 -34.68 -19.31 8.21
C ARG A 265 -34.57 -20.24 9.41
N MET B 9 1.94 8.13 -10.88
CA MET B 9 1.90 7.29 -9.64
C MET B 9 2.99 6.21 -9.63
N VAL B 10 3.59 6.02 -8.47
CA VAL B 10 4.69 5.09 -8.33
C VAL B 10 4.46 4.05 -7.26
N LEU B 11 4.68 2.79 -7.60
CA LEU B 11 4.51 1.71 -6.64
C LEU B 11 5.74 0.84 -6.71
N MET B 12 6.39 0.61 -5.56
CA MET B 12 7.55 -0.26 -5.55
C MET B 12 7.32 -1.31 -4.45
N THR B 13 7.67 -2.56 -4.71
CA THR B 13 7.50 -3.63 -3.74
C THR B 13 8.81 -4.40 -3.50
N LYS B 14 9.93 -3.77 -3.84
CA LYS B 14 11.26 -4.36 -3.61
C LYS B 14 12.26 -3.18 -3.64
N PRO B 15 13.44 -3.38 -3.06
CA PRO B 15 14.40 -2.28 -3.06
C PRO B 15 14.60 -1.65 -4.42
N GLY B 16 14.74 -0.33 -4.41
CA GLY B 16 14.96 0.37 -5.68
C GLY B 16 14.73 1.84 -5.48
N THR B 17 14.95 2.61 -6.56
CA THR B 17 14.77 4.06 -6.50
C THR B 17 13.84 4.50 -7.64
N SER B 18 12.90 5.42 -7.36
CA SER B 18 12.05 5.93 -8.46
C SER B 18 11.88 7.44 -8.30
N ASP B 19 12.05 8.21 -9.37
CA ASP B 19 11.86 9.66 -9.28
C ASP B 19 10.37 9.97 -9.43
N PHE B 20 9.94 11.10 -8.87
CA PHE B 20 8.55 11.52 -8.96
C PHE B 20 8.54 13.03 -8.76
N VAL B 21 7.39 13.64 -8.98
CA VAL B 21 7.25 15.09 -8.81
C VAL B 21 6.04 15.24 -7.86
N TRP B 22 6.20 16.05 -6.82
CA TRP B 22 5.16 16.25 -5.83
C TRP B 22 5.00 17.75 -5.61
N ASN B 23 3.81 18.26 -5.94
CA ASN B 23 3.51 19.68 -5.79
C ASN B 23 4.57 20.44 -6.58
N GLY B 24 4.93 19.91 -7.73
CA GLY B 24 5.92 20.58 -8.54
C GLY B 24 7.34 20.37 -8.07
N ILE B 25 7.59 19.64 -6.99
CA ILE B 25 8.96 19.44 -6.51
C ILE B 25 9.52 18.12 -7.05
N PRO B 26 10.69 18.15 -7.75
CA PRO B 26 11.25 16.90 -8.25
C PRO B 26 11.89 16.12 -7.09
N LEU B 27 11.51 14.84 -6.94
CA LEU B 27 11.99 14.03 -5.82
C LEU B 27 12.35 12.62 -6.22
N SER B 28 12.99 11.89 -5.31
CA SER B 28 13.33 10.50 -5.52
C SER B 28 12.80 9.70 -4.32
N MET B 29 12.20 8.53 -4.56
CA MET B 29 11.77 7.69 -3.42
C MET B 29 12.69 6.49 -3.45
N GLU B 30 13.17 6.06 -2.29
CA GLU B 30 14.02 4.87 -2.27
C GLU B 30 13.52 3.89 -1.21
N LEU B 31 13.17 2.68 -1.65
CA LEU B 31 12.71 1.61 -0.74
C LEU B 31 14.06 1.04 -0.35
N ASN B 32 14.65 1.72 0.63
CA ASN B 32 16.02 1.51 1.06
C ASN B 32 16.17 0.49 2.18
N LEU B 33 16.66 -0.72 1.86
CA LEU B 33 16.89 -1.75 2.89
C LEU B 33 18.38 -2.01 2.79
N TRP B 34 19.17 -0.94 2.77
CA TRP B 34 20.60 -1.10 2.49
C TRP B 34 21.37 -2.15 3.26
N ASN B 35 21.05 -2.31 4.54
CA ASN B 35 21.81 -3.24 5.35
C ASN B 35 21.04 -4.53 5.69
N ILE B 36 20.03 -4.88 4.89
CA ILE B 36 19.30 -6.14 5.08
C ILE B 36 19.91 -7.14 4.10
N LYS B 37 20.46 -8.22 4.65
CA LYS B 37 21.12 -9.25 3.86
C LYS B 37 20.10 -10.01 3.07
N GLU B 38 19.02 -10.43 3.72
CA GLU B 38 17.95 -11.16 3.03
C GLU B 38 16.70 -10.92 3.87
N TYR B 39 15.50 -11.09 3.29
CA TYR B 39 14.26 -10.95 4.08
C TYR B 39 13.15 -11.76 3.41
N SER B 40 12.11 -12.10 4.16
CA SER B 40 10.94 -12.78 3.59
C SER B 40 9.81 -11.81 3.93
N GLY B 41 8.64 -11.97 3.29
CA GLY B 41 7.58 -11.05 3.60
C GLY B 41 7.41 -9.96 2.56
N SER B 42 6.79 -8.87 2.99
CA SER B 42 6.45 -7.81 2.07
C SER B 42 6.82 -6.40 2.46
N VAL B 43 7.14 -5.61 1.44
CA VAL B 43 7.42 -4.18 1.58
C VAL B 43 6.71 -3.49 0.41
N ALA B 44 6.10 -2.33 0.63
CA ALA B 44 5.46 -1.64 -0.48
C ALA B 44 5.56 -0.15 -0.23
N MET B 45 6.00 0.62 -1.24
CA MET B 45 6.10 2.08 -1.07
C MET B 45 5.28 2.64 -2.22
N LYS B 46 4.44 3.63 -1.95
CA LYS B 46 3.60 4.16 -3.02
C LYS B 46 3.46 5.69 -2.95
N PHE B 47 3.46 6.34 -4.11
CA PHE B 47 3.21 7.78 -4.19
C PHE B 47 2.00 7.87 -5.11
N ASP B 48 0.94 8.52 -4.67
CA ASP B 48 -0.26 8.62 -5.49
C ASP B 48 -0.55 10.01 -6.00
N GLY B 49 0.39 10.94 -5.87
CA GLY B 49 0.16 12.31 -6.34
C GLY B 49 -0.09 13.22 -5.17
N GLU B 50 -0.62 12.70 -4.07
CA GLU B 50 -0.87 13.54 -2.93
C GLU B 50 -0.22 13.04 -1.62
N LYS B 51 0.20 11.77 -1.58
CA LYS B 51 0.82 11.28 -0.36
C LYS B 51 1.79 10.15 -0.67
N ILE B 52 2.76 9.93 0.23
CA ILE B 52 3.68 8.82 0.02
C ILE B 52 3.45 7.90 1.19
N THR B 53 3.25 6.61 0.91
CA THR B 53 3.06 5.64 2.01
C THR B 53 4.08 4.53 1.93
N PHE B 54 4.38 3.94 3.09
CA PHE B 54 5.29 2.82 3.14
C PHE B 54 4.75 1.83 4.18
N ASP B 55 4.82 0.55 3.85
CA ASP B 55 4.37 -0.48 4.77
C ASP B 55 5.33 -1.66 4.66
N ALA B 56 5.70 -2.24 5.80
CA ALA B 56 6.58 -3.39 5.82
C ALA B 56 6.05 -4.47 6.77
N ASP B 57 6.14 -5.71 6.34
CA ASP B 57 5.80 -6.85 7.22
C ASP B 57 6.82 -7.88 6.78
N ILE B 58 8.02 -7.81 7.35
CA ILE B 58 9.07 -8.71 6.92
C ILE B 58 9.60 -9.58 8.05
N GLN B 59 10.18 -10.71 7.67
CA GLN B 59 10.72 -11.64 8.66
C GLN B 59 12.07 -12.16 8.16
N ASN B 60 12.66 -13.07 8.94
CA ASN B 60 13.93 -13.70 8.57
C ASN B 60 15.03 -12.69 8.31
N LEU B 61 15.01 -11.62 9.10
CA LEU B 61 15.98 -10.56 8.92
C LEU B 61 17.39 -10.81 9.53
N SER B 62 18.40 -10.28 8.85
CA SER B 62 19.77 -10.30 9.37
C SER B 62 20.53 -9.16 8.63
N PRO B 63 21.55 -8.53 9.26
CA PRO B 63 22.24 -7.45 8.54
C PRO B 63 23.32 -7.91 7.58
N LYS B 64 23.60 -7.07 6.59
CA LYS B 64 24.64 -7.37 5.61
C LYS B 64 25.98 -7.24 6.31
N GLU B 65 26.14 -6.24 7.16
CA GLU B 65 27.44 -6.15 7.84
C GLU B 65 27.20 -6.06 9.35
N PRO B 66 26.93 -7.24 9.98
CA PRO B 66 26.65 -7.43 11.41
C PRO B 66 27.62 -6.69 12.31
N GLU B 67 28.91 -6.77 12.01
CA GLU B 67 29.87 -6.12 12.88
C GLU B 67 29.88 -4.59 12.91
N ARG B 68 29.22 -3.95 11.95
CA ARG B 68 29.14 -2.51 11.96
C ARG B 68 28.02 -2.03 12.89
N GLY B 69 27.14 -2.97 13.30
CA GLY B 69 26.05 -2.61 14.17
C GLY B 69 25.13 -1.65 13.42
N GLY B 70 24.42 -0.79 14.15
CA GLY B 70 23.55 0.16 13.49
C GLY B 70 22.26 -0.42 12.90
N VAL B 71 21.56 0.40 12.14
CA VAL B 71 20.27 -0.01 11.59
C VAL B 71 20.30 -0.91 10.35
N LEU B 72 19.12 -1.39 10.00
CA LEU B 72 18.93 -2.30 8.86
C LEU B 72 18.53 -1.59 7.58
N GLY B 73 17.66 -0.57 7.70
CA GLY B 73 17.24 0.15 6.51
C GLY B 73 16.75 1.57 6.78
N TYR B 74 16.33 2.26 5.72
CA TYR B 74 15.88 3.64 5.84
C TYR B 74 14.95 3.97 4.66
N PRO B 75 13.75 3.36 4.62
CA PRO B 75 12.88 3.71 3.49
C PRO B 75 12.65 5.22 3.57
N GLU B 76 12.70 5.92 2.44
CA GLU B 76 12.71 7.37 2.48
C GLU B 76 12.40 7.97 1.13
N PHE B 77 12.33 9.31 1.12
CA PHE B 77 12.24 10.03 -0.17
C PHE B 77 13.20 11.18 0.04
N TYR B 78 13.69 11.79 -1.03
CA TYR B 78 14.66 12.87 -0.87
C TYR B 78 14.65 13.86 -1.98
N TYR B 79 15.18 15.04 -1.67
CA TYR B 79 15.31 16.14 -2.60
C TYR B 79 16.80 16.35 -2.79
N GLY B 80 17.27 16.27 -4.02
CA GLY B 80 18.69 16.51 -4.24
C GLY B 80 19.46 15.28 -4.64
N TYR B 81 20.78 15.35 -4.48
CA TYR B 81 21.71 14.30 -4.92
C TYR B 81 22.19 13.40 -3.76
N LYS B 82 21.79 12.14 -3.74
CA LYS B 82 22.22 11.24 -2.64
C LYS B 82 23.56 10.63 -3.15
N PRO B 83 24.69 11.01 -2.52
CA PRO B 83 25.95 10.47 -3.01
C PRO B 83 26.05 8.94 -3.16
N TRP B 84 25.64 8.21 -2.12
CA TRP B 84 25.72 6.77 -2.08
C TRP B 84 25.04 6.10 -3.25
N GLU B 85 24.01 6.74 -3.80
CA GLU B 85 23.34 6.15 -4.96
C GLU B 85 23.68 6.85 -6.29
N ASN B 86 24.61 7.79 -6.24
CA ASN B 86 25.02 8.51 -7.46
C ASN B 86 23.76 8.95 -8.23
N HIS B 87 22.82 9.56 -7.51
CA HIS B 87 21.53 9.91 -8.10
C HIS B 87 20.84 11.17 -7.59
N THR B 88 20.29 11.94 -8.53
CA THR B 88 19.46 13.09 -8.22
C THR B 88 18.43 13.14 -9.35
N ALA B 89 17.19 13.50 -9.00
CA ALA B 89 16.16 13.67 -10.00
C ALA B 89 16.58 14.97 -10.69
N GLU B 90 16.15 15.14 -11.93
CA GLU B 90 16.48 16.37 -12.64
C GLU B 90 15.65 17.54 -12.07
N GLY B 91 16.24 18.73 -11.98
CA GLY B 91 15.51 19.90 -11.53
C GLY B 91 15.79 20.37 -10.11
N SER B 92 16.57 19.60 -9.35
CA SER B 92 16.89 19.97 -7.99
C SER B 92 17.92 21.10 -7.97
N LYS B 93 17.80 21.99 -6.98
CA LYS B 93 18.71 23.11 -6.82
C LYS B 93 19.93 22.65 -6.03
N LEU B 94 19.86 21.42 -5.50
CA LEU B 94 20.99 20.87 -4.73
C LEU B 94 21.84 19.99 -5.65
N PRO B 95 23.15 19.81 -5.34
CA PRO B 95 23.95 20.37 -4.23
C PRO B 95 24.31 21.85 -4.33
N VAL B 96 24.48 22.51 -3.18
CA VAL B 96 25.01 23.89 -3.16
C VAL B 96 25.96 23.95 -1.95
N PRO B 97 26.97 24.83 -1.94
CA PRO B 97 27.83 24.85 -0.74
C PRO B 97 27.03 25.31 0.49
N VAL B 98 27.32 24.78 1.67
CA VAL B 98 26.66 25.20 2.90
C VAL B 98 26.56 26.73 3.01
N SER B 99 27.65 27.44 2.72
CA SER B 99 27.69 28.90 2.86
C SER B 99 26.75 29.64 1.92
N SER B 100 26.32 29.00 0.83
CA SER B 100 25.39 29.67 -0.08
C SER B 100 23.92 29.48 0.34
N MET B 101 23.67 28.69 1.39
CA MET B 101 22.27 28.53 1.82
C MET B 101 21.85 29.56 2.84
N LYS B 102 21.00 30.47 2.41
CA LYS B 102 20.46 31.51 3.28
C LYS B 102 19.41 30.85 4.19
N SER B 103 18.51 30.05 3.60
CA SER B 103 17.52 29.39 4.41
C SER B 103 16.99 28.19 3.64
N PHE B 104 16.43 27.23 4.36
CA PHE B 104 15.90 26.03 3.70
C PHE B 104 14.77 25.47 4.55
N SER B 105 13.56 25.93 4.29
CA SER B 105 12.43 25.47 5.08
C SER B 105 11.89 24.15 4.50
N VAL B 106 11.51 23.23 5.39
CA VAL B 106 10.99 21.94 5.01
C VAL B 106 9.72 21.77 5.83
N GLU B 107 8.64 21.32 5.24
CA GLU B 107 7.42 21.09 5.99
C GLU B 107 6.83 19.79 5.50
N VAL B 108 6.32 18.99 6.44
CA VAL B 108 5.68 17.73 6.09
C VAL B 108 4.82 17.29 7.26
N SER B 109 3.71 16.61 6.94
CA SER B 109 2.85 16.05 7.95
C SER B 109 3.19 14.55 7.86
N PHE B 110 3.14 13.87 9.00
CA PHE B 110 3.55 12.47 9.01
C PHE B 110 2.77 11.71 10.05
N ASP B 111 2.69 10.41 9.85
CA ASP B 111 1.99 9.52 10.78
C ASP B 111 2.75 8.18 10.69
N ILE B 112 3.39 7.83 11.79
CA ILE B 112 4.20 6.64 11.89
C ILE B 112 3.60 5.59 12.80
N HIS B 113 3.61 4.33 12.38
CA HIS B 113 3.14 3.28 13.25
C HIS B 113 4.16 2.13 13.23
N HIS B 114 4.26 1.41 14.34
CA HIS B 114 5.20 0.29 14.41
C HIS B 114 4.88 -0.59 15.59
N GLU B 115 5.36 -1.83 15.55
CA GLU B 115 5.19 -2.75 16.68
C GLU B 115 6.14 -2.15 17.74
N PRO B 116 5.79 -2.31 19.03
CA PRO B 116 6.57 -1.77 20.16
C PRO B 116 8.04 -2.10 20.27
N SER B 117 8.42 -3.31 19.93
CA SER B 117 9.81 -3.69 20.09
C SER B 117 10.76 -3.22 19.02
N LEU B 118 10.25 -2.71 17.89
CA LEU B 118 11.14 -2.34 16.77
C LEU B 118 11.94 -1.05 16.86
N PRO B 119 13.30 -1.14 16.78
CA PRO B 119 14.09 0.09 16.81
C PRO B 119 13.66 0.91 15.54
N LEU B 120 13.27 2.17 15.71
CA LEU B 120 12.85 2.97 14.55
C LEU B 120 12.88 4.43 14.92
N ASN B 121 13.05 5.28 13.90
CA ASN B 121 12.98 6.70 14.11
C ASN B 121 12.31 7.33 12.88
N PHE B 122 12.04 8.63 12.99
CA PHE B 122 11.52 9.43 11.88
C PHE B 122 12.68 10.38 11.84
N ALA B 123 13.52 10.26 10.83
CA ALA B 123 14.73 11.03 10.70
C ALA B 123 14.94 11.61 9.32
N MET B 124 15.49 12.81 9.30
CA MET B 124 15.79 13.44 8.04
C MET B 124 17.29 13.64 8.08
N GLU B 125 17.93 13.75 6.92
CA GLU B 125 19.37 13.95 6.96
C GLU B 125 19.95 14.46 5.68
N THR B 126 21.17 15.00 5.78
CA THR B 126 21.88 15.44 4.59
C THR B 126 23.29 14.85 4.67
N TRP B 127 24.00 14.94 3.56
CA TRP B 127 25.41 14.53 3.50
C TRP B 127 26.18 15.78 3.03
N LEU B 128 27.18 16.21 3.80
CA LEU B 128 28.00 17.37 3.41
C LEU B 128 29.29 16.76 2.87
N THR B 129 29.61 17.08 1.62
CA THR B 129 30.76 16.49 0.94
C THR B 129 31.77 17.49 0.38
N ARG B 130 33.03 17.09 0.37
CA ARG B 130 34.06 17.98 -0.13
C ARG B 130 33.91 18.26 -1.61
N GLU B 131 33.61 17.24 -2.42
CA GLU B 131 33.37 17.47 -3.84
C GLU B 131 31.85 17.43 -4.07
N LYS B 132 31.38 18.03 -5.15
CA LYS B 132 29.95 18.15 -5.43
C LYS B 132 29.18 16.85 -5.59
N TYR B 133 29.75 15.97 -6.42
CA TYR B 133 29.12 14.71 -6.73
C TYR B 133 29.93 13.47 -6.35
N GLN B 134 30.23 13.30 -5.07
CA GLN B 134 30.94 12.11 -4.59
C GLN B 134 30.00 10.90 -4.68
N THR B 135 30.54 9.69 -4.64
CA THR B 135 29.71 8.47 -4.68
C THR B 135 29.77 7.79 -3.29
N GLU B 136 30.41 8.47 -2.34
CA GLU B 136 30.52 7.97 -0.99
C GLU B 136 30.95 9.13 -0.09
N ALA B 137 30.88 8.91 1.22
CA ALA B 137 31.29 9.91 2.20
C ALA B 137 32.47 9.28 2.91
N SER B 138 33.49 10.06 3.25
CA SER B 138 34.65 9.53 3.97
C SER B 138 35.18 10.59 4.93
N ILE B 139 36.41 10.46 5.43
CA ILE B 139 36.89 11.46 6.40
C ILE B 139 36.98 12.87 5.79
N GLY B 140 36.42 13.85 6.50
CA GLY B 140 36.35 15.20 5.98
C GLY B 140 34.90 15.50 5.52
N ASP B 141 34.06 14.46 5.38
CA ASP B 141 32.66 14.65 5.01
C ASP B 141 31.81 14.49 6.28
N VAL B 142 30.55 14.95 6.23
CA VAL B 142 29.70 14.92 7.40
C VAL B 142 28.32 14.38 7.06
N GLU B 143 27.76 13.57 7.95
CA GLU B 143 26.38 13.08 7.79
C GLU B 143 25.62 13.84 8.91
N ILE B 144 24.60 14.61 8.56
CA ILE B 144 23.86 15.34 9.60
C ILE B 144 22.39 14.94 9.57
N MET B 145 21.91 14.43 10.70
CA MET B 145 20.52 13.95 10.85
C MET B 145 19.71 14.81 11.84
N VAL B 146 18.39 14.73 11.69
CA VAL B 146 17.46 15.46 12.51
C VAL B 146 16.36 14.44 12.78
N TRP B 147 16.21 14.05 14.06
CA TRP B 147 15.24 13.04 14.43
C TRP B 147 14.04 13.62 15.16
N PHE B 148 12.83 13.47 14.61
CA PHE B 148 11.64 13.99 15.26
C PHE B 148 10.98 12.94 16.13
N TYR B 149 11.36 11.68 15.92
CA TYR B 149 10.78 10.59 16.70
C TYR B 149 11.79 9.45 16.79
N PHE B 150 11.69 8.64 17.84
CA PHE B 150 12.51 7.45 17.93
C PHE B 150 11.80 6.50 18.89
N ASN B 151 12.06 5.23 18.73
CA ASN B 151 11.52 4.19 19.59
C ASN B 151 12.63 3.15 19.68
N ASN B 152 13.03 2.77 20.90
CA ASN B 152 14.07 1.75 21.05
C ASN B 152 15.25 2.01 20.12
N LEU B 153 15.66 3.27 19.99
CA LEU B 153 16.79 3.55 19.12
C LEU B 153 17.49 4.83 19.48
N THR B 154 18.80 4.72 19.72
CA THR B 154 19.62 5.88 20.02
C THR B 154 20.50 6.12 18.80
N PRO B 155 20.94 7.39 18.59
CA PRO B 155 21.79 7.68 17.44
C PRO B 155 23.18 7.04 17.66
N GLY B 156 23.98 7.09 16.61
CA GLY B 156 25.35 6.60 16.66
C GLY B 156 26.16 7.51 17.56
N GLY B 157 27.30 7.02 18.06
CA GLY B 157 28.19 7.84 18.89
C GLY B 157 27.73 8.08 20.33
N GLU B 158 28.00 9.28 20.83
CA GLU B 158 27.56 9.64 22.17
C GLU B 158 26.99 11.05 22.17
N LYS B 159 26.14 11.33 23.16
CA LYS B 159 25.55 12.65 23.28
C LYS B 159 26.59 13.63 23.77
N ILE B 160 26.83 14.70 23.01
CA ILE B 160 27.81 15.68 23.44
C ILE B 160 27.21 17.01 23.88
N GLU B 161 26.08 17.40 23.30
CA GLU B 161 25.48 18.69 23.64
C GLU B 161 23.98 18.72 23.51
N GLU B 162 23.40 19.87 23.80
CA GLU B 162 21.95 20.06 23.59
C GLU B 162 21.81 21.44 22.98
N PHE B 163 20.85 21.61 22.09
CA PHE B 163 20.62 22.90 21.50
C PHE B 163 19.14 23.22 21.59
N THR B 164 18.84 24.51 21.72
CA THR B 164 17.44 24.92 21.73
C THR B 164 17.24 25.43 20.28
N ILE B 165 16.37 24.77 19.51
CA ILE B 165 16.13 25.17 18.11
C ILE B 165 14.62 25.17 17.85
N PRO B 166 14.11 26.29 17.31
CA PRO B 166 12.68 26.39 17.05
C PRO B 166 12.23 25.56 15.86
N PHE B 167 10.96 25.18 15.92
CA PHE B 167 10.31 24.47 14.82
C PHE B 167 8.83 24.71 15.02
N VAL B 168 8.07 24.58 13.94
CA VAL B 168 6.62 24.79 14.01
C VAL B 168 5.97 23.42 14.06
N LEU B 169 5.26 23.17 15.17
CA LEU B 169 4.56 21.89 15.39
C LEU B 169 3.05 22.15 15.32
N ASN B 170 2.42 21.57 14.31
CA ASN B 170 0.99 21.72 14.11
C ASN B 170 0.56 23.18 14.03
N GLY B 171 1.38 23.97 13.36
CA GLY B 171 1.10 25.38 13.15
C GLY B 171 1.63 26.36 14.20
N GLU B 172 2.12 25.85 15.32
CA GLU B 172 2.62 26.76 16.36
C GLU B 172 4.09 26.55 16.63
N SER B 173 4.81 27.64 16.85
CA SER B 173 6.24 27.59 17.10
C SER B 173 6.50 26.98 18.46
N VAL B 174 7.48 26.10 18.51
CA VAL B 174 7.90 25.42 19.75
C VAL B 174 9.43 25.58 19.84
N GLU B 175 9.98 25.78 21.04
CA GLU B 175 11.43 25.86 21.13
C GLU B 175 11.82 24.44 21.53
N GLY B 176 12.21 23.62 20.55
CA GLY B 176 12.56 22.26 20.91
C GLY B 176 13.95 22.17 21.51
N THR B 177 14.16 21.14 22.34
CA THR B 177 15.46 20.90 22.91
C THR B 177 15.94 19.69 22.15
N TRP B 178 17.11 19.82 21.55
CA TRP B 178 17.66 18.76 20.72
C TRP B 178 19.00 18.27 21.27
N GLU B 179 19.13 16.96 21.43
CA GLU B 179 20.40 16.39 21.86
C GLU B 179 21.27 16.30 20.63
N LEU B 180 22.56 16.62 20.74
CA LEU B 180 23.40 16.46 19.56
C LEU B 180 24.32 15.29 19.89
N TRP B 181 24.30 14.27 19.04
CA TRP B 181 25.10 13.06 19.20
C TRP B 181 26.15 13.15 18.12
N LEU B 182 27.40 12.78 18.45
CA LEU B 182 28.50 12.84 17.51
C LEU B 182 29.22 11.50 17.51
N ALA B 183 29.57 11.02 16.31
CA ALA B 183 30.32 9.79 16.13
C ALA B 183 31.35 10.08 15.03
N GLU B 184 32.59 9.61 15.24
CA GLU B 184 33.61 9.83 14.23
C GLU B 184 33.96 8.45 13.67
N TRP B 185 33.19 8.04 12.66
CA TRP B 185 33.38 6.76 12.00
C TRP B 185 34.17 6.95 10.72
N GLY B 186 33.65 6.41 9.62
CA GLY B 186 34.31 6.59 8.34
C GLY B 186 34.13 8.00 7.82
N TRP B 187 33.28 8.76 8.48
CA TRP B 187 33.00 10.17 8.14
C TRP B 187 32.49 10.68 9.47
N ASP B 188 32.25 11.97 9.60
CA ASP B 188 31.72 12.45 10.86
C ASP B 188 30.20 12.36 10.86
N TYR B 189 29.63 11.84 11.95
CA TYR B 189 28.19 11.71 12.09
C TYR B 189 27.65 12.58 13.22
N LEU B 190 26.66 13.41 12.89
CA LEU B 190 25.98 14.26 13.85
C LEU B 190 24.48 13.95 13.74
N ALA B 191 23.81 13.74 14.85
CA ALA B 191 22.38 13.51 14.82
C ALA B 191 21.77 14.36 15.91
N PHE B 192 20.81 15.23 15.54
CA PHE B 192 20.08 16.10 16.47
C PHE B 192 18.82 15.33 16.79
N ARG B 193 18.63 14.96 18.04
CA ARG B 193 17.46 14.17 18.38
C ARG B 193 16.53 14.94 19.29
N LEU B 194 15.31 15.17 18.84
CA LEU B 194 14.34 15.91 19.64
C LEU B 194 14.02 15.14 20.95
N LYS B 195 14.10 15.85 22.09
CA LYS B 195 13.83 15.22 23.40
C LYS B 195 12.38 14.87 23.71
N ASP B 196 11.46 15.48 22.99
CA ASP B 196 10.05 15.19 23.16
C ASP B 196 9.64 14.60 21.79
N PRO B 197 9.97 13.34 21.51
CA PRO B 197 9.60 12.75 20.20
C PRO B 197 8.13 12.84 19.87
N VAL B 198 7.84 13.06 18.58
CA VAL B 198 6.47 13.20 18.07
C VAL B 198 6.26 12.13 17.00
N LYS B 199 5.26 11.30 17.20
CA LYS B 199 4.98 10.18 16.31
C LYS B 199 4.08 10.46 15.10
N LYS B 200 3.29 11.53 15.21
CA LYS B 200 2.31 11.90 14.20
C LYS B 200 2.12 13.39 14.40
N GLY B 201 2.08 14.11 13.30
CA GLY B 201 1.87 15.55 13.39
C GLY B 201 2.33 16.25 12.12
N ARG B 202 2.50 17.57 12.19
CA ARG B 202 2.98 18.34 11.03
C ARG B 202 4.08 19.24 11.54
N VAL B 203 5.24 19.21 10.88
CA VAL B 203 6.35 20.05 11.32
C VAL B 203 6.90 20.88 10.19
N LYS B 204 7.41 22.06 10.54
CA LYS B 204 8.05 22.89 9.54
C LYS B 204 9.24 23.48 10.28
N PHE B 205 10.39 23.55 9.61
CA PHE B 205 11.56 24.11 10.28
C PHE B 205 12.55 24.56 9.23
N ASP B 206 13.56 25.28 9.67
CA ASP B 206 14.59 25.77 8.73
C ASP B 206 15.87 24.96 8.96
N VAL B 207 16.26 24.16 7.99
CA VAL B 207 17.46 23.34 8.11
C VAL B 207 18.71 24.19 8.45
N ARG B 208 18.69 25.47 8.09
CA ARG B 208 19.85 26.33 8.36
C ARG B 208 20.16 26.41 9.87
N HIS B 209 19.15 26.30 10.72
CA HIS B 209 19.43 26.36 12.16
C HIS B 209 20.27 25.16 12.57
N PHE B 210 20.03 24.04 11.91
CA PHE B 210 20.77 22.82 12.23
C PHE B 210 22.16 22.88 11.64
N LEU B 211 22.31 23.50 10.46
CA LEU B 211 23.63 23.67 9.87
C LEU B 211 24.46 24.62 10.75
N ASP B 212 23.84 25.68 11.27
CA ASP B 212 24.53 26.63 12.16
C ASP B 212 25.06 25.92 13.43
N ALA B 213 24.21 25.14 14.06
CA ALA B 213 24.58 24.38 15.26
C ALA B 213 25.68 23.37 14.98
N ALA B 214 25.55 22.64 13.87
CA ALA B 214 26.56 21.64 13.49
C ALA B 214 27.92 22.30 13.23
N GLY B 215 27.92 23.40 12.48
CA GLY B 215 29.15 24.15 12.20
C GLY B 215 29.85 24.56 13.49
N LYS B 216 29.06 24.99 14.48
CA LYS B 216 29.65 25.41 15.75
C LYS B 216 30.22 24.23 16.50
N ALA B 217 29.50 23.11 16.50
CA ALA B 217 29.92 21.91 17.21
C ALA B 217 31.13 21.25 16.63
N LEU B 218 31.35 21.45 15.33
CA LEU B 218 32.52 20.88 14.67
C LEU B 218 33.71 21.84 14.54
N SER B 219 33.58 23.08 14.99
CA SER B 219 34.68 24.05 14.83
C SER B 219 36.03 23.52 15.28
N SER B 220 36.03 22.75 16.36
CA SER B 220 37.24 22.17 16.94
C SER B 220 37.74 20.89 16.26
N SER B 221 37.01 20.40 15.26
CA SER B 221 37.37 19.16 14.56
C SER B 221 38.68 19.10 13.80
N ALA B 222 39.40 18.00 14.02
CA ALA B 222 40.67 17.77 13.33
C ALA B 222 40.42 17.05 11.99
N ARG B 223 39.21 16.49 11.87
CA ARG B 223 38.78 15.73 10.68
C ARG B 223 37.93 16.60 9.75
N VAL B 224 36.86 17.18 10.29
CA VAL B 224 36.02 18.00 9.45
C VAL B 224 36.64 19.37 9.30
N LYS B 225 37.15 19.66 8.12
CA LYS B 225 37.74 20.96 7.90
C LYS B 225 37.08 21.65 6.71
N ASP B 226 36.80 22.93 6.88
CA ASP B 226 36.18 23.74 5.86
C ASP B 226 34.68 23.51 5.70
N PHE B 227 34.01 23.42 6.84
CA PHE B 227 32.57 23.21 6.93
C PHE B 227 31.72 24.06 5.97
N GLU B 228 32.00 25.38 5.88
CA GLU B 228 31.19 26.29 5.03
C GLU B 228 31.29 26.02 3.54
N ASP B 229 32.39 25.44 3.07
CA ASP B 229 32.52 25.15 1.65
C ASP B 229 32.10 23.73 1.30
N LEU B 230 31.70 22.93 2.28
CA LEU B 230 31.29 21.57 1.94
C LEU B 230 29.99 21.73 1.16
N TYR B 231 29.68 20.75 0.33
CA TYR B 231 28.45 20.75 -0.45
C TYR B 231 27.33 20.11 0.33
N PHE B 232 26.21 20.82 0.46
CA PHE B 232 24.99 20.32 1.10
C PHE B 232 24.34 19.58 -0.09
N THR B 233 24.45 18.27 -0.11
CA THR B 233 23.98 17.53 -1.27
C THR B 233 22.50 17.16 -1.41
N VAL B 234 21.82 16.94 -0.29
CA VAL B 234 20.50 16.39 -0.43
C VAL B 234 19.76 16.58 0.85
N TRP B 235 18.46 16.34 0.79
CA TRP B 235 17.70 16.32 2.02
C TRP B 235 16.82 15.09 1.94
N GLU B 236 17.12 14.09 2.79
CA GLU B 236 16.38 12.82 2.88
C GLU B 236 15.40 12.82 4.04
N ILE B 237 14.26 12.17 3.85
CA ILE B 237 13.26 12.14 4.89
C ILE B 237 12.74 10.70 4.95
N GLY B 238 12.80 10.06 6.12
CA GLY B 238 12.35 8.68 6.16
C GLY B 238 12.37 8.11 7.57
N THR B 239 12.44 6.78 7.66
CA THR B 239 12.45 6.14 8.97
C THR B 239 13.50 5.07 9.01
N GLU B 240 14.53 5.27 9.83
CA GLU B 240 15.51 4.22 9.98
C GLU B 240 14.84 3.11 10.81
N PHE B 241 15.24 1.87 10.64
CA PHE B 241 14.66 0.83 11.52
C PHE B 241 15.63 -0.33 11.66
N GLY B 242 15.47 -1.08 12.75
CA GLY B 242 16.27 -2.26 12.97
C GLY B 242 17.57 -2.14 13.73
N SER B 243 18.09 -3.30 14.14
CA SER B 243 19.37 -3.42 14.83
C SER B 243 19.90 -4.77 14.37
N PRO B 244 21.14 -5.11 14.75
CA PRO B 244 21.66 -6.41 14.32
C PRO B 244 20.87 -7.59 14.91
N GLU B 245 20.01 -7.37 15.92
CA GLU B 245 19.26 -8.49 16.49
C GLU B 245 17.80 -8.57 15.99
N THR B 246 17.40 -7.61 15.14
CA THR B 246 16.01 -7.62 14.69
C THR B 246 15.74 -8.80 13.77
N LYS B 247 14.72 -9.59 14.08
CA LYS B 247 14.40 -10.74 13.24
C LYS B 247 13.23 -10.49 12.31
N SER B 248 12.35 -9.57 12.69
CA SER B 248 11.16 -9.28 11.88
C SER B 248 10.81 -7.85 12.16
N ALA B 249 10.13 -7.20 11.20
CA ALA B 249 9.77 -5.82 11.39
C ALA B 249 8.41 -5.54 10.77
N GLN B 250 7.53 -4.95 11.57
CA GLN B 250 6.19 -4.58 11.06
C GLN B 250 6.00 -3.09 11.41
N PHE B 251 5.85 -2.26 10.40
CA PHE B 251 5.69 -0.83 10.61
C PHE B 251 5.36 -0.16 9.28
N GLY B 252 5.03 1.12 9.36
CA GLY B 252 4.72 1.85 8.14
C GLY B 252 4.56 3.31 8.49
N TRP B 253 4.30 4.10 7.46
CA TRP B 253 4.12 5.52 7.65
C TRP B 253 3.44 6.13 6.43
N LYS B 254 3.05 7.40 6.60
CA LYS B 254 2.44 8.16 5.52
C LYS B 254 2.90 9.59 5.69
N PHE B 255 3.37 10.19 4.60
CA PHE B 255 3.80 11.59 4.59
C PHE B 255 2.89 12.35 3.62
N GLU B 256 2.50 13.56 4.02
CA GLU B 256 1.63 14.38 3.18
C GLU B 256 2.00 15.82 3.41
N ASN B 257 1.31 16.71 2.69
CA ASN B 257 1.51 18.16 2.86
C ASN B 257 2.97 18.59 2.80
N PHE B 258 3.69 18.08 1.79
CA PHE B 258 5.11 18.39 1.66
C PHE B 258 5.43 19.65 0.89
N SER B 259 6.34 20.48 1.43
CA SER B 259 6.76 21.64 0.66
C SER B 259 8.11 22.11 1.17
N ILE B 260 8.87 22.74 0.29
CA ILE B 260 10.17 23.25 0.72
C ILE B 260 10.34 24.66 0.24
N ASP B 261 11.32 25.33 0.82
CA ASP B 261 11.67 26.65 0.36
C ASP B 261 13.18 26.82 0.54
N LEU B 262 13.94 26.49 -0.51
CA LEU B 262 15.38 26.63 -0.46
C LEU B 262 15.77 27.99 -1.06
N GLU B 263 16.42 28.84 -0.27
CA GLU B 263 16.87 30.15 -0.77
C GLU B 263 18.38 30.12 -0.80
N VAL B 264 18.95 30.20 -1.99
CA VAL B 264 20.40 30.19 -2.15
C VAL B 264 20.83 31.62 -2.51
N ARG B 265 21.98 32.07 -1.98
CA ARG B 265 22.45 33.45 -2.22
C ARG B 265 23.96 33.52 -2.02
#